data_1JGC
#
_entry.id   1JGC
#
_cell.length_a   142.37
_cell.length_b   142.37
_cell.length_c   140.88
_cell.angle_alpha   90.0
_cell.angle_beta   90.0
_cell.angle_gamma   90.0
#
_symmetry.space_group_name_H-M   'I 4 2 2'
#
loop_
_entity.id
_entity.type
_entity.pdbx_description
1 polymer bacterioferritin
2 non-polymer 'PROTOPORPHYRIN IX CONTAINING FE'
3 water water
#
_entity_poly.entity_id   1
_entity_poly.type   'polypeptide(L)'
_entity_poly.pdbx_seq_one_letter_code
;MKGDAKVIEFLNAALRSELTAISQYWVHFRLQEDWGLAKMAKKSREESIEEMGHADKIIARILFLEGHPNLQKLDPLRIG
EGPRETLECDLAGEHDALKLYREARDYCAEVGDIVSKNIFESLITDEEGHVDFLETQISLYDRLGPQGFALLNAAPMDAA
E
;
_entity_poly.pdbx_strand_id   A,B,C
#
loop_
_chem_comp.id
_chem_comp.type
_chem_comp.name
_chem_comp.formula
HEM non-polymer 'PROTOPORPHYRIN IX CONTAINING FE' 'C34 H32 Fe N4 O4'
#
# COMPACT_ATOMS: atom_id res chain seq x y z
N MET A 1 -6.63 -17.55 13.74
CA MET A 1 -6.26 -18.25 12.48
C MET A 1 -4.89 -18.88 12.69
N LYS A 2 -4.81 -20.20 12.62
CA LYS A 2 -3.53 -20.86 12.82
C LYS A 2 -2.54 -20.50 11.71
N GLY A 3 -1.34 -20.05 12.09
CA GLY A 3 -0.37 -19.66 11.11
C GLY A 3 0.73 -20.68 10.85
N ASP A 4 1.50 -20.43 9.81
CA ASP A 4 2.61 -21.30 9.45
C ASP A 4 3.69 -21.19 10.53
N ALA A 5 4.04 -22.31 11.15
CA ALA A 5 5.04 -22.31 12.20
C ALA A 5 6.29 -21.51 11.87
N LYS A 6 6.82 -21.63 10.66
CA LYS A 6 8.03 -20.89 10.35
C LYS A 6 7.82 -19.38 10.15
N VAL A 7 6.62 -18.98 9.79
CA VAL A 7 6.34 -17.56 9.63
C VAL A 7 6.40 -16.96 11.03
N ILE A 8 5.86 -17.69 11.98
CA ILE A 8 5.85 -17.25 13.36
C ILE A 8 7.27 -17.13 13.89
N GLU A 9 8.15 -18.03 13.45
CA GLU A 9 9.53 -18.01 13.87
C GLU A 9 10.17 -16.72 13.35
N PHE A 10 9.92 -16.43 12.07
CA PHE A 10 10.47 -15.24 11.45
C PHE A 10 9.96 -13.99 12.16
N LEU A 11 8.66 -13.95 12.45
CA LEU A 11 8.07 -12.80 13.14
C LEU A 11 8.73 -12.58 14.51
N ASN A 12 8.95 -13.67 15.25
CA ASN A 12 9.59 -13.56 16.56
C ASN A 12 11.05 -13.12 16.43
N ALA A 13 11.69 -13.45 15.31
CA ALA A 13 13.06 -13.03 15.12
C ALA A 13 13.06 -11.53 14.80
N ALA A 14 12.12 -11.12 13.98
CA ALA A 14 11.99 -9.72 13.62
C ALA A 14 11.68 -8.91 14.89
N LEU A 15 10.86 -9.47 15.76
CA LEU A 15 10.50 -8.82 17.02
C LEU A 15 11.74 -8.60 17.86
N ARG A 16 12.57 -9.64 17.98
CA ARG A 16 13.78 -9.54 18.75
C ARG A 16 14.69 -8.49 18.15
N SER A 17 14.71 -8.42 16.83
CA SER A 17 15.53 -7.44 16.15
C SER A 17 15.04 -6.03 16.52
N GLU A 18 13.71 -5.85 16.52
N GLU A 18 13.71 -5.86 16.53
CA GLU A 18 13.12 -4.56 16.85
CA GLU A 18 13.09 -4.58 16.87
C GLU A 18 13.33 -4.16 18.32
C GLU A 18 13.32 -4.16 18.31
N LEU A 19 13.14 -5.10 19.24
CA LEU A 19 13.35 -4.80 20.66
C LEU A 19 14.78 -4.33 20.85
N THR A 20 15.69 -4.88 20.04
CA THR A 20 17.10 -4.52 20.12
C THR A 20 17.28 -3.08 19.65
N ALA A 21 16.69 -2.77 18.50
CA ALA A 21 16.78 -1.42 17.95
C ALA A 21 16.19 -0.39 18.92
N ILE A 22 15.05 -0.72 19.52
CA ILE A 22 14.42 0.21 20.46
C ILE A 22 15.40 0.61 21.55
N SER A 23 16.02 -0.36 22.20
CA SER A 23 16.95 -0.04 23.28
C SER A 23 18.21 0.63 22.78
N GLN A 24 18.68 0.24 21.60
CA GLN A 24 19.89 0.85 21.07
C GLN A 24 19.66 2.32 20.78
N TYR A 25 18.52 2.64 20.18
CA TYR A 25 18.19 4.02 19.85
C TYR A 25 17.97 4.84 21.11
N TRP A 26 17.31 4.23 22.10
CA TRP A 26 17.04 4.96 23.33
C TRP A 26 18.29 5.28 24.11
N VAL A 27 19.24 4.35 24.14
CA VAL A 27 20.49 4.60 24.85
C VAL A 27 21.23 5.71 24.11
N HIS A 28 21.21 5.66 22.79
CA HIS A 28 21.88 6.66 21.99
C HIS A 28 21.26 8.03 22.22
N PHE A 29 19.95 8.05 22.39
CA PHE A 29 19.24 9.31 22.66
C PHE A 29 19.79 9.89 23.97
N ARG A 30 19.79 9.08 25.01
CA ARG A 30 20.28 9.51 26.30
C ARG A 30 21.73 9.95 26.27
N LEU A 31 22.56 9.14 25.62
CA LEU A 31 23.97 9.43 25.47
C LEU A 31 24.17 10.77 24.75
N GLN A 32 23.52 10.93 23.60
CA GLN A 32 23.62 12.16 22.83
C GLN A 32 23.11 13.37 23.62
N GLU A 33 22.12 13.15 24.46
CA GLU A 33 21.57 14.23 25.25
C GLU A 33 22.62 14.71 26.25
N ASP A 34 23.31 13.77 26.90
CA ASP A 34 24.35 14.11 27.87
C ASP A 34 25.57 14.76 27.21
N TRP A 35 25.76 14.51 25.91
CA TRP A 35 26.89 15.10 25.17
C TRP A 35 26.55 16.52 24.77
N GLY A 36 25.28 16.89 24.93
CA GLY A 36 24.86 18.22 24.57
C GLY A 36 24.42 18.34 23.13
N LEU A 37 24.24 17.19 22.48
CA LEU A 37 23.82 17.18 21.07
C LEU A 37 22.31 16.91 21.03
N ALA A 38 21.54 17.83 21.59
CA ALA A 38 20.09 17.70 21.66
C ALA A 38 19.37 17.37 20.35
N LYS A 39 19.77 18.01 19.27
CA LYS A 39 19.11 17.77 17.99
C LYS A 39 19.35 16.37 17.46
N MET A 40 20.54 15.85 17.74
CA MET A 40 20.85 14.50 17.31
C MET A 40 20.04 13.56 18.23
N ALA A 41 19.95 13.93 19.50
CA ALA A 41 19.22 13.14 20.48
C ALA A 41 17.74 12.98 20.17
N LYS A 42 17.09 14.07 19.76
CA LYS A 42 15.66 14.01 19.45
C LYS A 42 15.37 13.08 18.31
N LYS A 43 16.28 12.99 17.34
CA LYS A 43 16.08 12.12 16.21
C LYS A 43 16.13 10.66 16.68
N SER A 44 17.09 10.36 17.56
CA SER A 44 17.22 9.01 18.09
C SER A 44 15.97 8.61 18.87
N ARG A 45 15.40 9.56 19.63
CA ARG A 45 14.21 9.27 20.40
C ARG A 45 13.07 8.92 19.45
N GLU A 46 12.93 9.68 18.37
CA GLU A 46 11.89 9.43 17.40
C GLU A 46 12.03 8.04 16.78
N GLU A 47 13.24 7.69 16.33
CA GLU A 47 13.47 6.39 15.72
C GLU A 47 13.17 5.25 16.69
N SER A 48 13.51 5.43 17.97
CA SER A 48 13.24 4.40 18.97
C SER A 48 11.74 4.19 19.12
N ILE A 49 10.99 5.29 19.13
CA ILE A 49 9.54 5.21 19.25
C ILE A 49 8.91 4.63 17.97
N GLU A 50 9.59 4.78 16.83
CA GLU A 50 9.07 4.20 15.60
C GLU A 50 9.18 2.68 15.73
N GLU A 51 10.34 2.21 16.20
CA GLU A 51 10.54 0.79 16.36
C GLU A 51 9.55 0.19 17.37
N MET A 52 9.19 0.96 18.38
CA MET A 52 8.25 0.47 19.37
C MET A 52 6.96 0.14 18.63
N GLY A 53 6.61 1.00 17.68
CA GLY A 53 5.40 0.78 16.90
C GLY A 53 5.49 -0.49 16.07
N HIS A 54 6.64 -0.72 15.45
CA HIS A 54 6.84 -1.92 14.64
C HIS A 54 6.67 -3.14 15.53
N ALA A 55 7.34 -3.12 16.68
CA ALA A 55 7.28 -4.22 17.62
C ALA A 55 5.84 -4.56 17.99
N ASP A 56 5.07 -3.55 18.34
CA ASP A 56 3.68 -3.76 18.71
C ASP A 56 2.91 -4.41 17.56
N LYS A 57 3.08 -3.86 16.37
CA LYS A 57 2.42 -4.38 15.17
C LYS A 57 2.75 -5.87 14.97
N ILE A 58 4.02 -6.23 15.16
CA ILE A 58 4.48 -7.62 15.00
C ILE A 58 3.96 -8.57 16.07
N ILE A 59 3.87 -8.09 17.29
CA ILE A 59 3.36 -8.91 18.37
C ILE A 59 1.90 -9.24 18.09
N ALA A 60 1.16 -8.26 17.58
CA ALA A 60 -0.25 -8.48 17.27
C ALA A 60 -0.44 -9.52 16.17
N ARG A 61 0.42 -9.47 15.16
CA ARG A 61 0.32 -10.42 14.06
C ARG A 61 0.63 -11.82 14.57
N ILE A 62 1.59 -11.92 15.50
CA ILE A 62 1.96 -13.21 16.04
C ILE A 62 0.79 -13.83 16.81
N LEU A 63 0.14 -13.03 17.64
CA LEU A 63 -0.99 -13.54 18.42
C LEU A 63 -2.13 -13.98 17.50
N PHE A 64 -2.38 -13.20 16.45
CA PHE A 64 -3.44 -13.54 15.52
C PHE A 64 -3.16 -14.90 14.87
N LEU A 65 -1.90 -15.15 14.52
CA LEU A 65 -1.51 -16.42 13.90
C LEU A 65 -1.39 -17.49 14.96
N GLU A 66 -1.88 -17.17 16.16
CA GLU A 66 -1.88 -18.09 17.29
C GLU A 66 -0.51 -18.57 17.77
N GLY A 67 0.50 -17.72 17.58
CA GLY A 67 1.83 -18.05 18.05
C GLY A 67 2.03 -17.36 19.38
N HIS A 68 3.23 -17.46 19.95
CA HIS A 68 3.50 -16.83 21.23
C HIS A 68 4.64 -15.83 21.08
N PRO A 69 4.36 -14.53 21.29
CA PRO A 69 5.37 -13.50 21.18
C PRO A 69 6.39 -13.68 22.29
N ASN A 70 7.66 -13.60 21.92
CA ASN A 70 8.76 -13.79 22.87
C ASN A 70 9.63 -12.55 22.96
N LEU A 71 9.46 -11.78 24.04
CA LEU A 71 10.25 -10.57 24.21
C LEU A 71 11.27 -10.77 25.33
N GLN A 72 11.68 -12.02 25.55
CA GLN A 72 12.63 -12.31 26.63
C GLN A 72 14.08 -11.90 26.38
N LYS A 73 14.49 -11.85 25.11
CA LYS A 73 15.87 -11.51 24.81
C LYS A 73 16.05 -10.53 23.66
N LEU A 74 17.22 -9.90 23.61
CA LEU A 74 17.54 -8.97 22.54
C LEU A 74 18.81 -9.47 21.86
N ASP A 75 19.01 -9.09 20.61
CA ASP A 75 20.22 -9.46 19.90
C ASP A 75 21.30 -8.54 20.50
N PRO A 76 22.58 -8.76 20.14
CA PRO A 76 23.63 -7.91 20.71
C PRO A 76 23.45 -6.42 20.41
N LEU A 77 23.56 -5.59 21.44
CA LEU A 77 23.42 -4.15 21.30
C LEU A 77 24.73 -3.54 20.76
N ARG A 78 24.62 -2.42 20.06
CA ARG A 78 25.80 -1.74 19.54
C ARG A 78 25.78 -0.29 20.01
N ILE A 79 26.43 -0.03 21.13
CA ILE A 79 26.45 1.32 21.70
C ILE A 79 27.69 2.11 21.30
N GLY A 80 27.51 3.14 20.47
CA GLY A 80 28.64 3.95 20.05
C GLY A 80 29.17 4.75 21.22
N GLU A 81 30.46 5.09 21.21
CA GLU A 81 31.01 5.86 22.31
C GLU A 81 31.19 7.31 21.92
N GLY A 82 30.68 7.66 20.74
CA GLY A 82 30.79 9.02 20.25
C GLY A 82 29.77 9.32 19.16
N PRO A 83 29.61 10.59 18.78
CA PRO A 83 28.64 10.97 17.75
C PRO A 83 28.68 10.09 16.50
N ARG A 84 29.81 10.04 15.82
CA ARG A 84 29.92 9.24 14.60
C ARG A 84 29.72 7.75 14.81
N GLU A 85 30.24 7.20 15.90
CA GLU A 85 30.09 5.77 16.16
C GLU A 85 28.63 5.35 16.30
N THR A 86 27.82 6.19 16.95
CA THR A 86 26.40 5.86 17.14
C THR A 86 25.70 5.77 15.79
N LEU A 87 26.09 6.63 14.85
CA LEU A 87 25.51 6.59 13.52
C LEU A 87 25.92 5.27 12.89
N GLU A 88 27.19 4.89 13.08
CA GLU A 88 27.72 3.66 12.53
C GLU A 88 27.01 2.46 13.14
N CYS A 89 26.87 2.46 14.45
CA CYS A 89 26.20 1.34 15.10
C CYS A 89 24.75 1.22 14.66
N ASP A 90 24.04 2.35 14.54
CA ASP A 90 22.65 2.27 14.12
C ASP A 90 22.57 1.75 12.68
N LEU A 91 23.48 2.23 11.84
CA LEU A 91 23.48 1.79 10.45
C LEU A 91 23.78 0.29 10.39
N ALA A 92 24.69 -0.18 11.24
CA ALA A 92 25.04 -1.59 11.27
C ALA A 92 23.81 -2.42 11.63
N GLY A 93 23.04 -1.94 12.59
CA GLY A 93 21.84 -2.64 13.00
C GLY A 93 20.77 -2.67 11.92
N GLU A 94 20.71 -1.63 11.10
CA GLU A 94 19.71 -1.57 10.04
C GLU A 94 19.99 -2.63 8.99
N HIS A 95 21.27 -2.75 8.61
CA HIS A 95 21.67 -3.73 7.61
C HIS A 95 21.34 -5.15 8.04
N ASP A 96 21.57 -5.47 9.32
CA ASP A 96 21.25 -6.80 9.81
C ASP A 96 19.75 -7.00 9.73
N ALA A 97 18.98 -6.00 10.17
CA ALA A 97 17.52 -6.09 10.14
C ALA A 97 17.00 -6.27 8.70
N LEU A 98 17.50 -5.47 7.77
CA LEU A 98 17.06 -5.61 6.38
C LEU A 98 17.33 -7.02 5.85
N LYS A 99 18.49 -7.54 6.20
CA LYS A 99 18.90 -8.87 5.77
C LYS A 99 17.84 -9.85 6.25
N LEU A 100 17.53 -9.78 7.53
CA LEU A 100 16.52 -10.67 8.12
C LEU A 100 15.14 -10.50 7.52
N TYR A 101 14.73 -9.25 7.27
CA TYR A 101 13.41 -9.00 6.73
C TYR A 101 13.24 -9.48 5.30
N ARG A 102 14.27 -9.33 4.49
CA ARG A 102 14.19 -9.78 3.09
C ARG A 102 14.05 -11.31 3.03
N GLU A 103 14.65 -11.97 3.99
CA GLU A 103 14.64 -13.41 4.11
C GLU A 103 13.24 -13.86 4.52
N ALA A 104 12.74 -13.28 5.62
CA ALA A 104 11.41 -13.61 6.13
C ALA A 104 10.39 -13.32 5.04
N ARG A 105 10.54 -12.17 4.41
CA ARG A 105 9.63 -11.74 3.35
C ARG A 105 9.56 -12.79 2.23
N ASP A 106 10.69 -13.28 1.74
CA ASP A 106 10.66 -14.30 0.71
C ASP A 106 9.91 -15.54 1.19
N TYR A 107 10.18 -15.97 2.42
CA TYR A 107 9.50 -17.16 2.93
C TYR A 107 8.00 -16.98 3.03
N CYS A 108 7.54 -15.79 3.45
CA CYS A 108 6.11 -15.55 3.55
C CYS A 108 5.47 -15.68 2.17
N ALA A 109 6.14 -15.16 1.16
CA ALA A 109 5.64 -15.23 -0.20
C ALA A 109 5.53 -16.68 -0.64
N GLU A 110 6.60 -17.45 -0.42
CA GLU A 110 6.64 -18.84 -0.80
C GLU A 110 5.50 -19.62 -0.16
N VAL A 111 5.27 -19.40 1.13
CA VAL A 111 4.21 -20.11 1.84
C VAL A 111 2.82 -19.52 1.56
N GLY A 112 2.77 -18.37 0.90
CA GLY A 112 1.48 -17.77 0.58
C GLY A 112 0.81 -16.93 1.66
N ASP A 113 1.54 -16.57 2.71
CA ASP A 113 0.98 -15.73 3.77
C ASP A 113 1.12 -14.27 3.29
N ILE A 114 0.11 -13.84 2.53
CA ILE A 114 0.09 -12.50 1.94
C ILE A 114 0.23 -11.35 2.93
N VAL A 115 -0.60 -11.34 3.96
CA VAL A 115 -0.56 -10.27 4.95
C VAL A 115 0.79 -10.19 5.65
N SER A 116 1.29 -11.32 6.15
CA SER A 116 2.59 -11.30 6.81
C SER A 116 3.69 -10.83 5.84
N LYS A 117 3.55 -11.18 4.57
CA LYS A 117 4.51 -10.79 3.56
C LYS A 117 4.56 -9.26 3.45
N ASN A 118 3.39 -8.65 3.33
CA ASN A 118 3.33 -7.20 3.23
C ASN A 118 3.85 -6.48 4.45
N ILE A 119 3.74 -7.11 5.63
CA ILE A 119 4.26 -6.49 6.82
C ILE A 119 5.77 -6.38 6.67
N PHE A 120 6.40 -7.43 6.16
CA PHE A 120 7.84 -7.38 5.97
C PHE A 120 8.23 -6.43 4.84
N GLU A 121 7.35 -6.24 3.86
CA GLU A 121 7.66 -5.31 2.79
C GLU A 121 7.54 -3.89 3.37
N SER A 122 6.63 -3.73 4.31
CA SER A 122 6.45 -2.45 4.95
C SER A 122 7.67 -2.17 5.85
N LEU A 123 8.10 -3.17 6.60
CA LEU A 123 9.28 -2.99 7.45
C LEU A 123 10.52 -2.71 6.61
N ILE A 124 10.69 -3.47 5.52
CA ILE A 124 11.83 -3.27 4.63
C ILE A 124 11.83 -1.84 4.11
N THR A 125 10.64 -1.35 3.72
CA THR A 125 10.53 0.01 3.22
C THR A 125 10.92 1.04 4.28
N ASP A 126 10.44 0.87 5.51
CA ASP A 126 10.79 1.81 6.58
C ASP A 126 12.29 1.77 6.87
N GLU A 127 12.86 0.57 6.95
CA GLU A 127 14.27 0.45 7.25
C GLU A 127 15.14 1.06 6.14
N GLU A 128 14.74 0.93 4.88
CA GLU A 128 15.53 1.53 3.83
C GLU A 128 15.46 3.04 4.00
N GLY A 129 14.35 3.50 4.57
CA GLY A 129 14.18 4.92 4.82
C GLY A 129 15.20 5.40 5.85
N HIS A 130 15.36 4.65 6.94
CA HIS A 130 16.32 4.98 7.98
C HIS A 130 17.75 4.91 7.42
N VAL A 131 18.02 3.89 6.60
CA VAL A 131 19.34 3.74 6.00
C VAL A 131 19.66 4.97 5.17
N ASP A 132 18.70 5.40 4.37
CA ASP A 132 18.88 6.57 3.51
C ASP A 132 19.30 7.76 4.37
N PHE A 133 18.55 7.97 5.45
CA PHE A 133 18.80 9.07 6.36
C PHE A 133 20.19 8.99 7.02
N LEU A 134 20.50 7.83 7.61
CA LEU A 134 21.79 7.63 8.26
C LEU A 134 22.96 7.82 7.29
N GLU A 135 22.83 7.32 6.07
CA GLU A 135 23.90 7.46 5.10
C GLU A 135 24.12 8.93 4.77
N THR A 136 23.02 9.67 4.66
CA THR A 136 23.12 11.10 4.38
C THR A 136 23.78 11.81 5.57
N GLN A 137 23.45 11.38 6.78
CA GLN A 137 24.02 12.00 7.96
C GLN A 137 25.49 11.68 8.12
N ILE A 138 25.87 10.46 7.79
CA ILE A 138 27.28 10.06 7.91
C ILE A 138 28.08 10.83 6.87
N SER A 139 27.50 10.98 5.69
CA SER A 139 28.16 11.71 4.62
C SER A 139 28.33 13.17 5.02
N LEU A 140 27.30 13.73 5.64
CA LEU A 140 27.35 15.11 6.08
C LEU A 140 28.35 15.26 7.23
N TYR A 141 28.50 14.20 8.02
CA TYR A 141 29.42 14.21 9.14
C TYR A 141 30.86 14.37 8.64
N ASP A 142 31.23 13.59 7.63
CA ASP A 142 32.58 13.66 7.10
C ASP A 142 32.82 14.99 6.39
N ARG A 143 31.80 15.50 5.69
CA ARG A 143 31.93 16.76 4.99
C ARG A 143 32.10 17.94 5.95
N LEU A 144 31.31 17.96 7.01
CA LEU A 144 31.38 19.04 7.99
C LEU A 144 32.58 18.88 8.92
N GLY A 145 32.87 17.65 9.30
CA GLY A 145 33.95 17.39 10.23
C GLY A 145 33.39 17.20 11.63
N PRO A 146 34.08 16.49 12.52
CA PRO A 146 33.59 16.26 13.88
C PRO A 146 33.02 17.49 14.58
N GLN A 147 33.79 18.56 14.66
CA GLN A 147 33.35 19.78 15.33
C GLN A 147 32.16 20.45 14.64
N GLY A 148 32.22 20.54 13.32
CA GLY A 148 31.14 21.16 12.59
C GLY A 148 29.82 20.42 12.72
N PHE A 149 29.88 19.10 12.68
CA PHE A 149 28.67 18.31 12.80
C PHE A 149 28.09 18.44 14.20
N ALA A 150 28.97 18.42 15.20
CA ALA A 150 28.54 18.55 16.58
C ALA A 150 27.87 19.91 16.77
N LEU A 151 28.45 20.94 16.15
CA LEU A 151 27.90 22.28 16.27
C LEU A 151 26.47 22.32 15.70
N LEU A 152 26.30 21.78 14.51
CA LEU A 152 25.01 21.74 13.83
C LEU A 152 23.92 21.01 14.62
N ASN A 153 24.33 20.05 15.44
CA ASN A 153 23.36 19.27 16.19
C ASN A 153 23.35 19.52 17.68
N ALA A 154 24.00 20.60 18.10
CA ALA A 154 24.08 20.96 19.51
C ALA A 154 23.04 22.00 19.90
N ALA A 155 22.74 22.07 21.18
CA ALA A 155 21.79 23.04 21.67
C ALA A 155 22.51 24.14 22.45
N PRO A 156 22.09 25.39 22.28
CA PRO A 156 22.71 26.52 22.98
C PRO A 156 22.44 26.39 24.48
N MET A 157 23.22 27.06 25.31
CA MET A 157 23.03 26.98 26.75
C MET A 157 21.67 27.47 27.24
N ASP A 158 21.02 28.33 26.47
CA ASP A 158 19.71 28.86 26.84
C ASP A 158 18.55 28.14 26.17
N ALA A 159 18.79 26.92 25.70
CA ALA A 159 17.76 26.15 25.01
C ALA A 159 16.67 25.58 25.90
N ALA A 160 15.50 25.37 25.30
CA ALA A 160 14.33 24.78 25.97
C ALA A 160 14.25 25.10 27.47
N MET B 1 -9.28 -0.92 -21.23
CA MET B 1 -8.10 -1.82 -21.33
C MET B 1 -8.59 -3.26 -21.27
N LYS B 2 -8.41 -4.02 -22.34
CA LYS B 2 -8.88 -5.40 -22.35
C LYS B 2 -8.15 -6.23 -21.31
N GLY B 3 -8.90 -6.93 -20.48
CA GLY B 3 -8.25 -7.74 -19.45
C GLY B 3 -8.19 -9.22 -19.74
N ASP B 4 -7.44 -9.93 -18.90
CA ASP B 4 -7.31 -11.38 -19.02
C ASP B 4 -8.66 -12.01 -18.68
N ALA B 5 -9.22 -12.77 -19.61
CA ALA B 5 -10.51 -13.42 -19.39
C ALA B 5 -10.62 -14.12 -18.03
N LYS B 6 -9.57 -14.83 -17.60
CA LYS B 6 -9.70 -15.53 -16.33
C LYS B 6 -9.64 -14.62 -15.11
N VAL B 7 -9.01 -13.45 -15.24
CA VAL B 7 -8.95 -12.54 -14.13
C VAL B 7 -10.37 -12.02 -13.93
N ILE B 8 -11.06 -11.77 -15.03
CA ILE B 8 -12.41 -11.28 -15.00
C ILE B 8 -13.33 -12.33 -14.36
N GLU B 9 -13.04 -13.59 -14.60
CA GLU B 9 -13.83 -14.68 -14.02
C GLU B 9 -13.64 -14.64 -12.51
N PHE B 10 -12.39 -14.51 -12.08
CA PHE B 10 -12.09 -14.46 -10.66
C PHE B 10 -12.77 -13.25 -10.00
N LEU B 11 -12.72 -12.09 -10.66
CA LEU B 11 -13.34 -10.89 -10.14
C LEU B 11 -14.85 -11.08 -9.96
N ASN B 12 -15.49 -11.71 -10.95
CA ASN B 12 -16.92 -11.96 -10.87
C ASN B 12 -17.26 -12.96 -9.78
N ALA B 13 -16.34 -13.87 -9.48
CA ALA B 13 -16.61 -14.84 -8.43
C ALA B 13 -16.46 -14.12 -7.09
N ALA B 14 -15.46 -13.25 -6.99
CA ALA B 14 -15.25 -12.50 -5.76
C ALA B 14 -16.46 -11.59 -5.52
N LEU B 15 -16.99 -11.04 -6.61
CA LEU B 15 -18.16 -10.18 -6.52
C LEU B 15 -19.34 -10.94 -5.96
N ARG B 16 -19.55 -12.15 -6.48
CA ARG B 16 -20.64 -12.99 -6.02
C ARG B 16 -20.44 -13.32 -4.55
N SER B 17 -19.20 -13.53 -4.17
CA SER B 17 -18.89 -13.84 -2.78
C SER B 17 -19.27 -12.64 -1.90
N GLU B 18 -18.96 -11.43 -2.37
N GLU B 18 -18.97 -11.44 -2.37
CA GLU B 18 -19.27 -10.22 -1.63
CA GLU B 18 -19.28 -10.23 -1.62
C GLU B 18 -20.77 -9.93 -1.54
C GLU B 18 -20.77 -9.92 -1.54
N LEU B 19 -21.47 -10.09 -2.65
CA LEU B 19 -22.90 -9.83 -2.65
C LEU B 19 -23.53 -10.78 -1.63
N THR B 20 -22.94 -11.96 -1.46
CA THR B 20 -23.45 -12.94 -0.51
C THR B 20 -23.21 -12.43 0.89
N ALA B 21 -21.99 -11.97 1.15
CA ALA B 21 -21.64 -11.44 2.47
C ALA B 21 -22.53 -10.26 2.84
N ILE B 22 -22.75 -9.36 1.88
CA ILE B 22 -23.59 -8.19 2.14
C ILE B 22 -24.94 -8.60 2.71
N SER B 23 -25.63 -9.50 2.02
CA SER B 23 -26.94 -9.94 2.46
C SER B 23 -26.90 -10.74 3.75
N GLN B 24 -25.87 -11.55 3.94
CA GLN B 24 -25.76 -12.35 5.15
C GLN B 24 -25.57 -11.43 6.36
N TYR B 25 -24.72 -10.42 6.22
CA TYR B 25 -24.48 -9.49 7.31
C TYR B 25 -25.72 -8.65 7.59
N TRP B 26 -26.41 -8.23 6.54
CA TRP B 26 -27.59 -7.40 6.73
C TRP B 26 -28.72 -8.16 7.41
N VAL B 27 -28.91 -9.42 7.05
CA VAL B 27 -29.96 -10.22 7.69
C VAL B 27 -29.59 -10.40 9.16
N HIS B 28 -28.31 -10.66 9.43
CA HIS B 28 -27.84 -10.83 10.79
C HIS B 28 -28.04 -9.56 11.61
N PHE B 29 -27.85 -8.41 10.97
CA PHE B 29 -28.06 -7.13 11.63
C PHE B 29 -29.54 -7.04 12.06
N ARG B 30 -30.43 -7.28 11.13
CA ARG B 30 -31.86 -7.23 11.40
C ARG B 30 -32.28 -8.24 12.48
N LEU B 31 -31.79 -9.46 12.34
CA LEU B 31 -32.09 -10.52 13.29
C LEU B 31 -31.61 -10.10 14.69
N GLN B 32 -30.35 -9.69 14.79
CA GLN B 32 -29.78 -9.28 16.06
C GLN B 32 -30.53 -8.10 16.66
N GLU B 33 -31.03 -7.22 15.81
CA GLU B 33 -31.76 -6.06 16.29
C GLU B 33 -33.06 -6.53 16.95
N ASP B 34 -33.75 -7.48 16.33
CA ASP B 34 -35.01 -7.99 16.86
C ASP B 34 -34.79 -8.79 18.16
N TRP B 35 -33.58 -9.32 18.34
CA TRP B 35 -33.27 -10.09 19.53
C TRP B 35 -32.96 -9.14 20.69
N GLY B 36 -32.79 -7.87 20.37
CA GLY B 36 -32.48 -6.88 21.39
C GLY B 36 -31.00 -6.72 21.61
N LEU B 37 -30.19 -7.28 20.73
CA LEU B 37 -28.74 -7.19 20.83
C LEU B 37 -28.26 -6.07 19.91
N ALA B 38 -28.68 -4.85 20.21
CA ALA B 38 -28.33 -3.69 19.39
C ALA B 38 -26.84 -3.50 19.08
N LYS B 39 -25.98 -3.70 20.07
CA LYS B 39 -24.56 -3.49 19.87
C LYS B 39 -23.97 -4.50 18.92
N MET B 40 -24.49 -5.71 18.98
CA MET B 40 -24.02 -6.76 18.08
C MET B 40 -24.56 -6.41 16.67
N ALA B 41 -25.78 -5.90 16.64
CA ALA B 41 -26.43 -5.53 15.39
C ALA B 41 -25.70 -4.41 14.64
N LYS B 42 -25.27 -3.38 15.35
CA LYS B 42 -24.57 -2.27 14.70
C LYS B 42 -23.28 -2.71 14.05
N LYS B 43 -22.61 -3.69 14.64
CA LYS B 43 -21.37 -4.19 14.07
C LYS B 43 -21.67 -4.90 12.74
N SER B 44 -22.73 -5.71 12.73
CA SER B 44 -23.12 -6.42 11.51
C SER B 44 -23.47 -5.44 10.41
N ARG B 45 -24.16 -4.35 10.75
CA ARG B 45 -24.53 -3.35 9.75
C ARG B 45 -23.26 -2.75 9.15
N GLU B 46 -22.29 -2.43 10.00
CA GLU B 46 -21.03 -1.86 9.52
C GLU B 46 -20.32 -2.80 8.56
N GLU B 47 -20.19 -4.07 8.95
CA GLU B 47 -19.51 -5.05 8.10
C GLU B 47 -20.23 -5.21 6.76
N SER B 48 -21.55 -5.15 6.76
CA SER B 48 -22.33 -5.28 5.52
C SER B 48 -22.02 -4.12 4.59
N ILE B 49 -21.96 -2.92 5.16
CA ILE B 49 -21.66 -1.73 4.38
C ILE B 49 -20.19 -1.73 3.91
N GLU B 50 -19.32 -2.44 4.63
CA GLU B 50 -17.94 -2.52 4.19
C GLU B 50 -17.92 -3.36 2.92
N GLU B 51 -18.61 -4.50 2.94
CA GLU B 51 -18.67 -5.38 1.79
C GLU B 51 -19.29 -4.68 0.59
N MET B 52 -20.26 -3.81 0.82
CA MET B 52 -20.87 -3.10 -0.27
C MET B 52 -19.76 -2.32 -0.97
N GLY B 53 -18.87 -1.73 -0.19
CA GLY B 53 -17.77 -0.97 -0.75
C GLY B 53 -16.85 -1.84 -1.60
N HIS B 54 -16.55 -3.04 -1.10
CA HIS B 54 -15.69 -3.98 -1.82
C HIS B 54 -16.35 -4.32 -3.16
N ALA B 55 -17.64 -4.66 -3.10
CA ALA B 55 -18.39 -5.01 -4.30
C ALA B 55 -18.31 -3.91 -5.33
N ASP B 56 -18.55 -2.68 -4.92
CA ASP B 56 -18.49 -1.55 -5.85
C ASP B 56 -17.10 -1.45 -6.49
N LYS B 57 -16.08 -1.54 -5.65
CA LYS B 57 -14.69 -1.47 -6.11
C LYS B 57 -14.40 -2.54 -7.17
N ILE B 58 -14.90 -3.75 -6.94
CA ILE B 58 -14.70 -4.87 -7.85
C ILE B 58 -15.48 -4.73 -9.16
N ILE B 59 -16.69 -4.21 -9.10
CA ILE B 59 -17.48 -4.01 -10.29
C ILE B 59 -16.77 -3.00 -11.20
N ALA B 60 -16.18 -1.97 -10.60
CA ALA B 60 -15.48 -0.95 -11.37
C ALA B 60 -14.26 -1.53 -12.08
N ARG B 61 -13.53 -2.40 -11.39
CA ARG B 61 -12.35 -3.00 -11.99
C ARG B 61 -12.76 -3.90 -13.15
N ILE B 62 -13.88 -4.59 -12.99
CA ILE B 62 -14.36 -5.46 -14.04
C ILE B 62 -14.70 -4.67 -15.29
N LEU B 63 -15.42 -3.55 -15.13
CA LEU B 63 -15.78 -2.74 -16.28
C LEU B 63 -14.54 -2.19 -16.97
N PHE B 64 -13.56 -1.75 -16.19
CA PHE B 64 -12.34 -1.21 -16.74
C PHE B 64 -11.64 -2.26 -17.61
N LEU B 65 -11.61 -3.50 -17.15
CA LEU B 65 -10.99 -4.60 -17.89
C LEU B 65 -11.90 -5.05 -19.01
N GLU B 66 -12.95 -4.27 -19.24
CA GLU B 66 -13.93 -4.54 -20.29
C GLU B 66 -14.71 -5.83 -20.17
N GLY B 67 -14.91 -6.29 -18.93
CA GLY B 67 -15.67 -7.49 -18.70
C GLY B 67 -17.09 -7.07 -18.33
N HIS B 68 -17.95 -8.03 -18.00
CA HIS B 68 -19.32 -7.69 -17.63
C HIS B 68 -19.61 -8.16 -16.21
N PRO B 69 -19.88 -7.21 -15.31
CA PRO B 69 -20.18 -7.56 -13.92
C PRO B 69 -21.51 -8.31 -13.86
N ASN B 70 -21.51 -9.40 -13.09
CA ASN B 70 -22.68 -10.24 -12.96
C ASN B 70 -23.16 -10.31 -11.52
N LEU B 71 -24.23 -9.58 -11.20
CA LEU B 71 -24.76 -9.60 -9.85
C LEU B 71 -26.09 -10.34 -9.80
N GLN B 72 -26.28 -11.28 -10.73
CA GLN B 72 -27.53 -12.02 -10.79
C GLN B 72 -27.73 -13.08 -9.69
N LYS B 73 -26.66 -13.62 -9.15
CA LYS B 73 -26.79 -14.67 -8.13
C LYS B 73 -25.86 -14.52 -6.95
N LEU B 74 -26.21 -15.19 -5.85
CA LEU B 74 -25.38 -15.17 -4.66
C LEU B 74 -25.01 -16.61 -4.32
N ASP B 75 -23.91 -16.80 -3.60
CA ASP B 75 -23.54 -18.13 -3.18
C ASP B 75 -24.51 -18.46 -2.03
N PRO B 76 -24.51 -19.70 -1.54
CA PRO B 76 -25.43 -20.04 -0.44
C PRO B 76 -25.26 -19.18 0.81
N LEU B 77 -26.37 -18.66 1.32
CA LEU B 77 -26.37 -17.83 2.51
C LEU B 77 -26.29 -18.70 3.76
N ARG B 78 -25.73 -18.16 4.83
CA ARG B 78 -25.62 -18.89 6.08
C ARG B 78 -26.23 -18.04 7.19
N ILE B 79 -27.51 -18.23 7.46
CA ILE B 79 -28.21 -17.46 8.47
C ILE B 79 -28.25 -18.17 9.82
N GLY B 80 -27.55 -17.63 10.82
CA GLY B 80 -27.54 -18.24 12.13
C GLY B 80 -28.90 -18.06 12.78
N GLU B 81 -29.28 -18.96 13.68
CA GLU B 81 -30.58 -18.83 14.34
C GLU B 81 -30.43 -18.32 15.76
N GLY B 82 -29.20 -17.91 16.09
CA GLY B 82 -28.92 -17.38 17.42
C GLY B 82 -27.64 -16.57 17.44
N PRO B 83 -27.37 -15.84 18.54
CA PRO B 83 -26.17 -15.02 18.65
C PRO B 83 -24.89 -15.73 18.23
N ARG B 84 -24.55 -16.83 18.90
CA ARG B 84 -23.32 -17.55 18.56
C ARG B 84 -23.29 -18.12 17.14
N GLU B 85 -24.41 -18.65 16.66
CA GLU B 85 -24.46 -19.21 15.32
C GLU B 85 -24.14 -18.17 14.24
N THR B 86 -24.62 -16.94 14.41
CA THR B 86 -24.38 -15.90 13.41
C THR B 86 -22.88 -15.60 13.33
N LEU B 87 -22.20 -15.65 14.47
CA LEU B 87 -20.76 -15.42 14.48
C LEU B 87 -20.11 -16.56 13.71
N GLU B 88 -20.60 -17.78 13.94
CA GLU B 88 -20.07 -18.96 13.26
C GLU B 88 -20.32 -18.89 11.76
N CYS B 89 -21.54 -18.53 11.38
CA CYS B 89 -21.85 -18.43 9.97
C CYS B 89 -21.02 -17.36 9.28
N ASP B 90 -20.84 -16.21 9.92
CA ASP B 90 -20.05 -15.15 9.31
C ASP B 90 -18.59 -15.61 9.17
N LEU B 91 -18.07 -16.25 10.21
CA LEU B 91 -16.70 -16.75 10.17
C LEU B 91 -16.54 -17.78 9.06
N ALA B 92 -17.56 -18.64 8.89
CA ALA B 92 -17.53 -19.67 7.85
C ALA B 92 -17.45 -19.01 6.48
N GLY B 93 -18.20 -17.93 6.30
CA GLY B 93 -18.18 -17.21 5.03
C GLY B 93 -16.85 -16.53 4.75
N GLU B 94 -16.17 -16.08 5.81
CA GLU B 94 -14.88 -15.41 5.65
C GLU B 94 -13.83 -16.37 5.13
N HIS B 95 -13.82 -17.58 5.71
CA HIS B 95 -12.85 -18.59 5.31
C HIS B 95 -13.02 -18.97 3.84
N ASP B 96 -14.27 -19.10 3.39
CA ASP B 96 -14.50 -19.42 1.99
C ASP B 96 -13.99 -18.29 1.11
N ALA B 97 -14.29 -17.05 1.51
CA ALA B 97 -13.86 -15.89 0.74
C ALA B 97 -12.33 -15.82 0.69
N LEU B 98 -11.66 -15.97 1.83
CA LEU B 98 -10.20 -15.92 1.85
C LEU B 98 -9.61 -16.99 0.90
N LYS B 99 -10.19 -18.17 0.93
CA LYS B 99 -9.74 -19.27 0.08
C LYS B 99 -9.79 -18.80 -1.37
N LEU B 100 -10.94 -18.28 -1.77
CA LEU B 100 -11.13 -17.78 -3.13
C LEU B 100 -10.20 -16.63 -3.49
N TYR B 101 -9.99 -15.71 -2.56
CA TYR B 101 -9.13 -14.56 -2.84
C TYR B 101 -7.67 -14.93 -3.01
N ARG B 102 -7.19 -15.84 -2.18
CA ARG B 102 -5.79 -16.26 -2.27
C ARG B 102 -5.50 -16.93 -3.61
N GLU B 103 -6.52 -17.62 -4.11
CA GLU B 103 -6.46 -18.33 -5.38
C GLU B 103 -6.43 -17.30 -6.51
N ALA B 104 -7.40 -16.39 -6.52
CA ALA B 104 -7.48 -15.36 -7.54
C ALA B 104 -6.19 -14.55 -7.54
N ARG B 105 -5.76 -14.19 -6.33
CA ARG B 105 -4.55 -13.41 -6.15
C ARG B 105 -3.34 -14.09 -6.82
N ASP B 106 -3.13 -15.38 -6.55
CA ASP B 106 -2.01 -16.08 -7.20
C ASP B 106 -2.12 -16.00 -8.73
N TYR B 107 -3.31 -16.21 -9.26
CA TYR B 107 -3.48 -16.17 -10.70
C TYR B 107 -3.17 -14.79 -11.27
N CYS B 108 -3.59 -13.73 -10.58
CA CYS B 108 -3.32 -12.38 -11.07
C CYS B 108 -1.81 -12.16 -11.16
N ALA B 109 -1.09 -12.64 -10.15
CA ALA B 109 0.35 -12.52 -10.11
C ALA B 109 0.98 -13.26 -11.30
N GLU B 110 0.57 -14.52 -11.48
CA GLU B 110 1.09 -15.33 -12.57
C GLU B 110 0.87 -14.66 -13.93
N VAL B 111 -0.31 -14.10 -14.15
CA VAL B 111 -0.62 -13.45 -15.42
C VAL B 111 -0.04 -12.04 -15.52
N GLY B 112 0.47 -11.52 -14.41
CA GLY B 112 1.05 -10.19 -14.43
C GLY B 112 0.10 -9.01 -14.29
N ASP B 113 -1.14 -9.24 -13.89
CA ASP B 113 -2.10 -8.14 -13.71
C ASP B 113 -1.85 -7.59 -12.29
N ILE B 114 -0.89 -6.67 -12.21
CA ILE B 114 -0.48 -6.06 -10.95
C ILE B 114 -1.59 -5.41 -10.15
N VAL B 115 -2.34 -4.52 -10.78
CA VAL B 115 -3.41 -3.83 -10.08
C VAL B 115 -4.46 -4.80 -9.56
N SER B 116 -4.93 -5.73 -10.39
CA SER B 116 -5.94 -6.68 -9.91
C SER B 116 -5.38 -7.52 -8.77
N LYS B 117 -4.09 -7.82 -8.83
CA LYS B 117 -3.45 -8.60 -7.78
C LYS B 117 -3.53 -7.87 -6.44
N ASN B 118 -3.17 -6.59 -6.44
CA ASN B 118 -3.21 -5.81 -5.21
C ASN B 118 -4.62 -5.66 -4.66
N ILE B 119 -5.62 -5.69 -5.54
CA ILE B 119 -6.98 -5.57 -5.05
C ILE B 119 -7.27 -6.82 -4.21
N PHE B 120 -6.83 -7.98 -4.68
CA PHE B 120 -7.06 -9.20 -3.91
C PHE B 120 -6.20 -9.22 -2.65
N GLU B 121 -5.04 -8.57 -2.67
CA GLU B 121 -4.22 -8.54 -1.47
C GLU B 121 -4.90 -7.61 -0.47
N SER B 122 -5.55 -6.58 -0.99
CA SER B 122 -6.27 -5.66 -0.13
C SER B 122 -7.48 -6.38 0.48
N LEU B 123 -8.21 -7.14 -0.34
CA LEU B 123 -9.37 -7.87 0.15
C LEU B 123 -8.93 -8.91 1.16
N ILE B 124 -7.85 -9.63 0.86
CA ILE B 124 -7.35 -10.64 1.78
C ILE B 124 -7.04 -10.00 3.11
N THR B 125 -6.38 -8.84 3.07
CA THR B 125 -6.04 -8.13 4.29
C THR B 125 -7.28 -7.74 5.09
N ASP B 126 -8.30 -7.18 4.43
CA ASP B 126 -9.52 -6.81 5.14
C ASP B 126 -10.21 -8.04 5.73
N GLU B 127 -10.29 -9.12 4.96
CA GLU B 127 -10.94 -10.32 5.45
C GLU B 127 -10.22 -10.94 6.65
N GLU B 128 -8.89 -10.89 6.66
CA GLU B 128 -8.18 -11.43 7.80
C GLU B 128 -8.51 -10.56 9.01
N GLY B 129 -8.77 -9.28 8.74
CA GLY B 129 -9.14 -8.36 9.82
C GLY B 129 -10.46 -8.80 10.44
N HIS B 130 -11.46 -9.11 9.62
CA HIS B 130 -12.76 -9.55 10.11
C HIS B 130 -12.60 -10.89 10.84
N VAL B 131 -11.78 -11.78 10.29
CA VAL B 131 -11.56 -13.07 10.92
C VAL B 131 -11.00 -12.87 12.33
N ASP B 132 -10.02 -11.98 12.44
CA ASP B 132 -9.39 -11.68 13.73
C ASP B 132 -10.46 -11.25 14.74
N PHE B 133 -11.30 -10.31 14.32
CA PHE B 133 -12.37 -9.81 15.14
C PHE B 133 -13.36 -10.90 15.56
N LEU B 134 -13.88 -11.64 14.58
CA LEU B 134 -14.84 -12.71 14.86
C LEU B 134 -14.26 -13.77 15.79
N GLU B 135 -12.99 -14.14 15.61
CA GLU B 135 -12.38 -15.14 16.47
C GLU B 135 -12.30 -14.61 17.90
N THR B 136 -11.98 -13.33 18.04
CA THR B 136 -11.91 -12.72 19.35
C THR B 136 -13.30 -12.69 19.99
N GLN B 137 -14.32 -12.40 19.19
CA GLN B 137 -15.68 -12.37 19.70
C GLN B 137 -16.20 -13.76 20.08
N ILE B 138 -15.85 -14.76 19.29
CA ILE B 138 -16.30 -16.12 19.58
C ILE B 138 -15.62 -16.59 20.86
N SER B 139 -14.35 -16.24 21.00
CA SER B 139 -13.60 -16.60 22.20
C SER B 139 -14.21 -15.91 23.42
N LEU B 140 -14.59 -14.65 23.27
CA LEU B 140 -15.18 -13.90 24.35
C LEU B 140 -16.56 -14.44 24.67
N TYR B 141 -17.22 -14.98 23.65
CA TYR B 141 -18.55 -15.54 23.83
C TYR B 141 -18.49 -16.76 24.75
N ASP B 142 -17.53 -17.65 24.50
CA ASP B 142 -17.40 -18.83 25.32
C ASP B 142 -16.95 -18.48 26.75
N ARG B 143 -16.07 -17.50 26.86
CA ARG B 143 -15.58 -17.08 28.17
C ARG B 143 -16.68 -16.45 29.02
N LEU B 144 -17.49 -15.58 28.41
CA LEU B 144 -18.57 -14.91 29.12
C LEU B 144 -19.77 -15.81 29.34
N GLY B 145 -20.06 -16.62 28.33
CA GLY B 145 -21.21 -17.50 28.41
C GLY B 145 -22.37 -16.86 27.65
N PRO B 146 -23.32 -17.65 27.14
CA PRO B 146 -24.46 -17.12 26.40
C PRO B 146 -25.13 -15.87 27.00
N GLN B 147 -25.52 -15.95 28.27
CA GLN B 147 -26.19 -14.85 28.93
C GLN B 147 -25.28 -13.64 29.09
N GLY B 148 -24.05 -13.88 29.52
CA GLY B 148 -23.12 -12.78 29.71
C GLY B 148 -22.81 -12.04 28.43
N PHE B 149 -22.61 -12.77 27.35
CA PHE B 149 -22.30 -12.14 26.07
C PHE B 149 -23.50 -11.34 25.58
N ALA B 150 -24.70 -11.90 25.75
CA ALA B 150 -25.92 -11.23 25.32
C ALA B 150 -26.07 -9.94 26.10
N LEU B 151 -25.76 -10.00 27.40
CA LEU B 151 -25.87 -8.83 28.24
C LEU B 151 -24.95 -7.71 27.75
N LEU B 152 -23.69 -8.05 27.49
CA LEU B 152 -22.68 -7.10 27.01
C LEU B 152 -23.05 -6.43 25.69
N ASN B 153 -23.83 -7.12 24.88
CA ASN B 153 -24.19 -6.58 23.58
C ASN B 153 -25.64 -6.18 23.44
N ALA B 154 -26.35 -6.10 24.55
CA ALA B 154 -27.75 -5.74 24.55
C ALA B 154 -27.96 -4.26 24.86
N ALA B 155 -29.12 -3.74 24.47
CA ALA B 155 -29.42 -2.34 24.72
C ALA B 155 -30.50 -2.24 25.81
N PRO B 156 -30.35 -1.29 26.72
CA PRO B 156 -31.32 -1.09 27.80
C PRO B 156 -32.67 -0.66 27.18
N MET B 157 -33.75 -0.81 27.93
CA MET B 157 -35.08 -0.43 27.43
C MET B 157 -35.22 1.04 27.08
N ASP B 158 -34.40 1.90 27.68
CA ASP B 158 -34.47 3.34 27.43
C ASP B 158 -33.41 3.80 26.43
N ALA B 159 -32.90 2.89 25.63
CA ALA B 159 -31.86 3.23 24.65
C ALA B 159 -32.35 4.00 23.43
N ALA B 160 -31.44 4.77 22.85
CA ALA B 160 -31.68 5.56 21.65
C ALA B 160 -33.11 6.08 21.51
N MET C 1 23.09 3.34 -0.27
CA MET C 1 22.96 1.86 -0.44
C MET C 1 23.20 1.54 -1.92
N LYS C 2 24.24 0.78 -2.23
CA LYS C 2 24.53 0.47 -3.62
C LYS C 2 23.42 -0.38 -4.23
N GLY C 3 22.91 0.03 -5.38
CA GLY C 3 21.84 -0.73 -5.97
C GLY C 3 22.25 -1.60 -7.14
N ASP C 4 21.33 -2.44 -7.59
CA ASP C 4 21.57 -3.31 -8.71
C ASP C 4 21.67 -2.47 -9.98
N ALA C 5 22.80 -2.55 -10.67
CA ALA C 5 23.00 -1.79 -11.90
C ALA C 5 21.82 -1.81 -12.86
N LYS C 6 21.21 -2.97 -13.07
CA LYS C 6 20.10 -2.99 -14.02
C LYS C 6 18.82 -2.35 -13.51
N VAL C 7 18.64 -2.31 -12.18
CA VAL C 7 17.46 -1.68 -11.63
C VAL C 7 17.61 -0.18 -11.91
N ILE C 8 18.82 0.32 -11.77
CA ILE C 8 19.11 1.73 -12.01
C ILE C 8 18.86 2.06 -13.48
N GLU C 9 19.17 1.12 -14.37
CA GLU C 9 18.93 1.34 -15.80
C GLU C 9 17.44 1.48 -16.02
N PHE C 10 16.67 0.59 -15.42
CA PHE C 10 15.22 0.62 -15.56
C PHE C 10 14.66 1.94 -15.02
N LEU C 11 15.15 2.35 -13.84
CA LEU C 11 14.68 3.59 -13.24
C LEU C 11 14.96 4.78 -14.16
N ASN C 12 16.16 4.81 -14.75
CA ASN C 12 16.50 5.89 -15.67
C ASN C 12 15.66 5.85 -16.94
N ALA C 13 15.21 4.67 -17.34
CA ALA C 13 14.39 4.57 -18.54
C ALA C 13 13.00 5.09 -18.19
N ALA C 14 12.53 4.73 -17.00
CA ALA C 14 11.21 5.16 -16.55
C ALA C 14 11.23 6.69 -16.41
N LEU C 15 12.34 7.22 -15.93
CA LEU C 15 12.49 8.66 -15.77
C LEU C 15 12.36 9.34 -17.11
N ARG C 16 13.05 8.80 -18.12
CA ARG C 16 13.00 9.37 -19.46
C ARG C 16 11.57 9.31 -19.98
N SER C 17 10.88 8.22 -19.66
CA SER C 17 9.51 8.05 -20.09
C SER C 17 8.65 9.16 -19.46
N GLU C 18 8.89 9.41 -18.17
N GLU C 18 8.88 9.42 -18.18
CA GLU C 18 8.14 10.44 -17.46
CA GLU C 18 8.13 10.45 -17.47
C GLU C 18 8.42 11.85 -17.98
C GLU C 18 8.42 11.86 -17.95
N LEU C 19 9.70 12.18 -18.15
CA LEU C 19 10.06 13.51 -18.64
C LEU C 19 9.36 13.73 -19.98
N THR C 20 9.18 12.66 -20.73
CA THR C 20 8.52 12.75 -22.03
C THR C 20 7.05 13.08 -21.80
N ALA C 21 6.41 12.34 -20.91
CA ALA C 21 5.00 12.57 -20.59
C ALA C 21 4.76 13.99 -20.08
N ILE C 22 5.64 14.47 -19.20
CA ILE C 22 5.50 15.81 -18.67
C ILE C 22 5.40 16.83 -19.80
N SER C 23 6.35 16.81 -20.74
CA SER C 23 6.33 17.75 -21.83
C SER C 23 5.17 17.55 -22.78
N GLN C 24 4.81 16.30 -23.03
CA GLN C 24 3.70 16.03 -23.94
C GLN C 24 2.39 16.57 -23.35
N TYR C 25 2.17 16.36 -22.06
CA TYR C 25 0.97 16.85 -21.41
C TYR C 25 0.95 18.37 -21.38
N TRP C 26 2.11 18.96 -21.10
CA TRP C 26 2.15 20.41 -21.00
C TRP C 26 1.90 21.09 -22.33
N VAL C 27 2.43 20.53 -23.41
CA VAL C 27 2.20 21.11 -24.73
C VAL C 27 0.71 20.97 -25.04
N HIS C 28 0.13 19.83 -24.71
CA HIS C 28 -1.29 19.61 -24.96
C HIS C 28 -2.15 20.59 -24.17
N PHE C 29 -1.72 20.90 -22.95
CA PHE C 29 -2.43 21.86 -22.12
C PHE C 29 -2.44 23.21 -22.86
N ARG C 30 -1.25 23.67 -23.25
CA ARG C 30 -1.14 24.93 -23.96
C ARG C 30 -1.94 24.96 -25.26
N LEU C 31 -1.81 23.88 -26.03
CA LEU C 31 -2.52 23.74 -27.29
C LEU C 31 -4.05 23.81 -27.05
N GLN C 32 -4.53 23.01 -26.11
CA GLN C 32 -5.96 22.98 -25.79
C GLN C 32 -6.44 24.33 -25.28
N GLU C 33 -5.58 25.04 -24.57
CA GLU C 33 -5.94 26.35 -24.06
C GLU C 33 -6.18 27.33 -25.22
N ASP C 34 -5.28 27.28 -26.21
CA ASP C 34 -5.39 28.16 -27.37
C ASP C 34 -6.58 27.79 -28.26
N TRP C 35 -7.05 26.55 -28.16
CA TRP C 35 -8.21 26.11 -28.94
C TRP C 35 -9.49 26.56 -28.25
N GLY C 36 -9.36 27.04 -27.02
CA GLY C 36 -10.52 27.48 -26.28
C GLY C 36 -11.18 26.37 -25.48
N LEU C 37 -10.51 25.23 -25.37
CA LEU C 37 -11.03 24.09 -24.62
C LEU C 37 -10.38 24.10 -23.23
N ALA C 38 -10.68 25.14 -22.47
CA ALA C 38 -10.11 25.30 -21.14
C ALA C 38 -10.25 24.12 -20.18
N LYS C 39 -11.41 23.47 -20.19
CA LYS C 39 -11.64 22.36 -19.29
C LYS C 39 -10.79 21.15 -19.64
N MET C 40 -10.55 20.97 -20.92
CA MET C 40 -9.72 19.87 -21.38
C MET C 40 -8.28 20.23 -21.01
N ALA C 41 -7.96 21.52 -21.15
CA ALA C 41 -6.63 22.02 -20.85
C ALA C 41 -6.23 21.84 -19.40
N LYS C 42 -7.14 22.14 -18.48
CA LYS C 42 -6.83 22.02 -17.06
C LYS C 42 -6.52 20.60 -16.67
N LYS C 43 -7.17 19.65 -17.31
CA LYS C 43 -6.91 18.25 -17.01
C LYS C 43 -5.49 17.88 -17.44
N SER C 44 -5.10 18.35 -18.62
CA SER C 44 -3.76 18.08 -19.13
C SER C 44 -2.71 18.67 -18.20
N ARG C 45 -2.96 19.88 -17.68
CA ARG C 45 -2.02 20.52 -16.78
C ARG C 45 -1.85 19.66 -15.54
N GLU C 46 -2.96 19.17 -15.00
CA GLU C 46 -2.91 18.33 -13.82
C GLU C 46 -2.09 17.07 -14.06
N GLU C 47 -2.38 16.37 -15.16
CA GLU C 47 -1.64 15.15 -15.47
C GLU C 47 -0.13 15.40 -15.62
N SER C 48 0.23 16.54 -16.23
CA SER C 48 1.64 16.89 -16.42
C SER C 48 2.31 17.08 -15.07
N ILE C 49 1.62 17.75 -14.15
CA ILE C 49 2.15 17.97 -12.82
C ILE C 49 2.20 16.66 -12.02
N GLU C 50 1.34 15.70 -12.36
CA GLU C 50 1.38 14.41 -11.67
C GLU C 50 2.68 13.72 -12.07
N GLU C 51 2.97 13.73 -13.37
CA GLU C 51 4.18 13.10 -13.87
C GLU C 51 5.43 13.75 -13.29
N MET C 52 5.38 15.06 -13.06
CA MET C 52 6.52 15.74 -12.50
C MET C 52 6.80 15.10 -11.15
N GLY C 53 5.74 14.80 -10.42
CA GLY C 53 5.89 14.16 -9.12
C GLY C 53 6.52 12.78 -9.23
N HIS C 54 6.10 12.00 -10.22
CA HIS C 54 6.66 10.68 -10.44
C HIS C 54 8.15 10.81 -10.73
N ALA C 55 8.49 11.71 -11.65
CA ALA C 55 9.88 11.93 -12.02
C ALA C 55 10.73 12.24 -10.80
N ASP C 56 10.27 13.16 -9.96
CA ASP C 56 11.02 13.52 -8.77
C ASP C 56 11.25 12.29 -7.88
N LYS C 57 10.17 11.55 -7.65
CA LYS C 57 10.22 10.35 -6.83
C LYS C 57 11.27 9.36 -7.35
N ILE C 58 11.31 9.19 -8.67
CA ILE C 58 12.25 8.28 -9.32
C ILE C 58 13.70 8.74 -9.26
N ILE C 59 13.91 10.05 -9.41
CA ILE C 59 15.25 10.59 -9.34
C ILE C 59 15.81 10.35 -7.94
N ALA C 60 14.96 10.51 -6.93
CA ALA C 60 15.41 10.31 -5.56
C ALA C 60 15.80 8.87 -5.30
N ARG C 61 15.04 7.93 -5.85
CA ARG C 61 15.33 6.52 -5.66
C ARG C 61 16.65 6.18 -6.34
N ILE C 62 16.88 6.79 -7.50
CA ILE C 62 18.12 6.53 -8.22
C ILE C 62 19.32 7.00 -7.40
N LEU C 63 19.26 8.21 -6.86
CA LEU C 63 20.36 8.73 -6.06
C LEU C 63 20.62 7.86 -4.84
N PHE C 64 19.55 7.40 -4.20
CA PHE C 64 19.69 6.57 -3.02
C PHE C 64 20.43 5.27 -3.36
N LEU C 65 20.13 4.70 -4.52
CA LEU C 65 20.77 3.46 -4.97
C LEU C 65 22.16 3.79 -5.53
N GLU C 66 22.58 5.04 -5.33
CA GLU C 66 23.88 5.52 -5.77
C GLU C 66 24.12 5.49 -7.29
N GLY C 67 23.05 5.68 -8.04
CA GLY C 67 23.17 5.72 -9.49
C GLY C 67 23.15 7.19 -9.87
N HIS C 68 23.16 7.48 -11.17
CA HIS C 68 23.15 8.87 -11.62
C HIS C 68 21.93 9.13 -12.50
N PRO C 69 21.03 10.01 -12.03
CA PRO C 69 19.83 10.33 -12.79
C PRO C 69 20.22 11.06 -14.06
N ASN C 70 19.60 10.65 -15.17
CA ASN C 70 19.90 11.22 -16.48
C ASN C 70 18.67 11.85 -17.11
N LEU C 71 18.58 13.17 -17.07
CA LEU C 71 17.44 13.86 -17.65
C LEU C 71 17.84 14.58 -18.93
N GLN C 72 18.88 14.09 -19.59
CA GLN C 72 19.37 14.73 -20.81
C GLN C 72 18.49 14.55 -22.06
N LYS C 73 17.74 13.46 -22.13
CA LYS C 73 16.91 13.22 -23.31
C LYS C 73 15.50 12.75 -23.02
N LEU C 74 14.62 12.89 -24.00
CA LEU C 74 13.24 12.43 -23.87
C LEU C 74 12.98 11.44 -24.99
N ASP C 75 12.00 10.56 -24.81
CA ASP C 75 11.65 9.63 -25.87
C ASP C 75 10.86 10.49 -26.86
N PRO C 76 10.51 9.94 -28.04
CA PRO C 76 9.77 10.74 -29.02
C PRO C 76 8.42 11.27 -28.50
N LEU C 77 8.20 12.57 -28.71
CA LEU C 77 6.97 13.21 -28.28
C LEU C 77 5.85 12.91 -29.28
N ARG C 78 4.60 12.93 -28.80
CA ARG C 78 3.45 12.69 -29.67
C ARG C 78 2.47 13.84 -29.48
N ILE C 79 2.58 14.86 -30.33
CA ILE C 79 1.73 16.03 -30.24
C ILE C 79 0.53 15.95 -31.16
N GLY C 80 -0.66 15.83 -30.59
CA GLY C 80 -1.86 15.75 -31.41
C GLY C 80 -2.12 17.10 -32.06
N GLU C 81 -2.78 17.12 -33.21
CA GLU C 81 -3.05 18.40 -33.87
C GLU C 81 -4.51 18.79 -33.69
N GLY C 82 -5.19 18.05 -32.83
CA GLY C 82 -6.60 18.33 -32.55
C GLY C 82 -7.07 17.69 -31.26
N PRO C 83 -8.26 18.05 -30.79
CA PRO C 83 -8.80 17.48 -29.55
C PRO C 83 -8.66 15.96 -29.45
N ARG C 84 -9.29 15.24 -30.37
CA ARG C 84 -9.23 13.79 -30.32
C ARG C 84 -7.83 13.20 -30.44
N GLU C 85 -7.00 13.76 -31.33
CA GLU C 85 -5.64 13.26 -31.50
C GLU C 85 -4.81 13.33 -30.21
N THR C 86 -4.97 14.41 -29.45
CA THR C 86 -4.20 14.56 -28.22
C THR C 86 -4.56 13.44 -27.24
N LEU C 87 -5.84 13.07 -27.21
CA LEU C 87 -6.28 12.00 -26.34
C LEU C 87 -5.60 10.72 -26.82
N GLU C 88 -5.55 10.53 -28.13
CA GLU C 88 -4.93 9.35 -28.73
C GLU C 88 -3.45 9.31 -28.43
N CYS C 89 -2.78 10.44 -28.62
CA CYS C 89 -1.36 10.49 -28.36
C CYS C 89 -1.04 10.22 -26.89
N ASP C 90 -1.82 10.79 -25.98
CA ASP C 90 -1.57 10.57 -24.56
C ASP C 90 -1.80 9.10 -24.22
N LEU C 91 -2.85 8.52 -24.78
CA LEU C 91 -3.15 7.12 -24.53
C LEU C 91 -2.02 6.25 -25.08
N ALA C 92 -1.49 6.61 -26.25
CA ALA C 92 -0.39 5.86 -26.86
C ALA C 92 0.82 5.88 -25.94
N GLY C 93 1.10 7.05 -25.35
CA GLY C 93 2.23 7.16 -24.44
C GLY C 93 2.05 6.35 -23.17
N GLU C 94 0.81 6.21 -22.71
CA GLU C 94 0.53 5.46 -21.48
C GLU C 94 0.84 3.99 -21.69
N HIS C 95 0.40 3.46 -22.82
CA HIS C 95 0.61 2.05 -23.14
C HIS C 95 2.10 1.73 -23.19
N ASP C 96 2.91 2.60 -23.79
CA ASP C 96 4.35 2.36 -23.85
C ASP C 96 4.92 2.36 -22.44
N ALA C 97 4.50 3.34 -21.64
CA ALA C 97 4.97 3.45 -20.26
C ALA C 97 4.60 2.21 -19.44
N LEU C 98 3.34 1.77 -19.54
CA LEU C 98 2.90 0.57 -18.80
C LEU C 98 3.75 -0.64 -19.20
N LYS C 99 4.01 -0.77 -20.50
CA LYS C 99 4.82 -1.87 -21.01
C LYS C 99 6.16 -1.85 -20.31
N LEU C 100 6.81 -0.69 -20.31
CA LEU C 100 8.10 -0.53 -19.67
C LEU C 100 8.09 -0.79 -18.16
N TYR C 101 7.03 -0.30 -17.48
CA TYR C 101 6.95 -0.47 -16.05
C TYR C 101 6.74 -1.91 -15.62
N ARG C 102 5.91 -2.66 -16.36
CA ARG C 102 5.64 -4.06 -16.04
C ARG C 102 6.93 -4.87 -16.17
N GLU C 103 7.75 -4.48 -17.12
CA GLU C 103 9.02 -5.13 -17.39
C GLU C 103 9.98 -4.83 -16.25
N ALA C 104 10.15 -3.55 -15.94
CA ALA C 104 11.05 -3.14 -14.85
C ALA C 104 10.60 -3.78 -13.55
N ARG C 105 9.30 -3.74 -13.31
CA ARG C 105 8.72 -4.31 -12.12
C ARG C 105 9.10 -5.79 -11.97
N ASP C 106 8.92 -6.59 -13.02
CA ASP C 106 9.29 -8.01 -12.94
C ASP C 106 10.76 -8.16 -12.56
N TYR C 107 11.64 -7.37 -13.21
CA TYR C 107 13.06 -7.48 -12.90
C TYR C 107 13.38 -7.12 -11.46
N CYS C 108 12.73 -6.10 -10.91
CA CYS C 108 12.99 -5.72 -9.52
C CYS C 108 12.61 -6.88 -8.61
N ALA C 109 11.50 -7.54 -8.93
CA ALA C 109 11.05 -8.67 -8.12
C ALA C 109 12.09 -9.79 -8.18
N GLU C 110 12.50 -10.13 -9.39
CA GLU C 110 13.49 -11.19 -9.59
C GLU C 110 14.77 -10.92 -8.80
N VAL C 111 15.26 -9.68 -8.84
CA VAL C 111 16.48 -9.33 -8.14
C VAL C 111 16.27 -9.10 -6.64
N GLY C 112 15.01 -9.03 -6.22
CA GLY C 112 14.74 -8.84 -4.79
C GLY C 112 14.75 -7.42 -4.28
N ASP C 113 14.72 -6.43 -5.17
CA ASP C 113 14.69 -5.03 -4.74
C ASP C 113 13.23 -4.68 -4.47
N ILE C 114 12.77 -5.01 -3.27
CA ILE C 114 11.38 -4.79 -2.84
C ILE C 114 10.87 -3.38 -3.01
N VAL C 115 11.57 -2.41 -2.46
CA VAL C 115 11.14 -1.02 -2.56
C VAL C 115 11.04 -0.55 -3.99
N SER C 116 12.05 -0.79 -4.81
CA SER C 116 11.98 -0.36 -6.19
C SER C 116 10.83 -1.05 -6.91
N LYS C 117 10.55 -2.29 -6.53
CA LYS C 117 9.46 -3.04 -7.14
C LYS C 117 8.13 -2.36 -6.88
N ASN C 118 7.89 -1.98 -5.62
CA ASN C 118 6.65 -1.32 -5.26
C ASN C 118 6.50 0.03 -5.93
N ILE C 119 7.60 0.70 -6.22
CA ILE C 119 7.51 1.98 -6.89
C ILE C 119 6.91 1.73 -8.27
N PHE C 120 7.37 0.68 -8.95
CA PHE C 120 6.82 0.39 -10.26
C PHE C 120 5.37 -0.11 -10.17
N GLU C 121 5.01 -0.76 -9.07
CA GLU C 121 3.64 -1.20 -8.93
C GLU C 121 2.76 0.03 -8.69
N SER C 122 3.32 1.02 -8.02
CA SER C 122 2.60 2.26 -7.77
C SER C 122 2.45 3.01 -9.10
N LEU C 123 3.52 3.09 -9.89
CA LEU C 123 3.45 3.77 -11.18
C LEU C 123 2.47 3.04 -12.10
N ILE C 124 2.54 1.71 -12.13
CA ILE C 124 1.63 0.93 -12.96
C ILE C 124 0.19 1.25 -12.56
N THR C 125 -0.07 1.30 -11.26
CA THR C 125 -1.41 1.60 -10.76
C THR C 125 -1.88 2.99 -11.20
N ASP C 126 -1.01 4.00 -11.08
CA ASP C 126 -1.38 5.36 -11.51
C ASP C 126 -1.64 5.41 -13.02
N GLU C 127 -0.77 4.77 -13.80
CA GLU C 127 -0.93 4.79 -15.25
C GLU C 127 -2.20 4.08 -15.70
N GLU C 128 -2.58 3.00 -15.02
CA GLU C 128 -3.81 2.32 -15.41
C GLU C 128 -4.97 3.27 -15.09
N GLY C 129 -4.78 4.12 -14.09
CA GLY C 129 -5.79 5.09 -13.74
C GLY C 129 -5.98 6.09 -14.87
N HIS C 130 -4.88 6.60 -15.42
CA HIS C 130 -4.95 7.55 -16.53
C HIS C 130 -5.56 6.85 -17.75
N VAL C 131 -5.16 5.61 -18.00
CA VAL C 131 -5.69 4.87 -19.14
C VAL C 131 -7.22 4.79 -19.01
N ASP C 132 -7.68 4.42 -17.83
CA ASP C 132 -9.12 4.30 -17.57
C ASP C 132 -9.83 5.60 -17.95
N PHE C 133 -9.29 6.69 -17.46
CA PHE C 133 -9.83 8.02 -17.73
C PHE C 133 -9.83 8.37 -19.23
N LEU C 134 -8.68 8.23 -19.88
CA LEU C 134 -8.58 8.52 -21.32
C LEU C 134 -9.52 7.67 -22.14
N GLU C 135 -9.64 6.39 -21.81
CA GLU C 135 -10.54 5.51 -22.58
C GLU C 135 -11.97 5.98 -22.43
N THR C 136 -12.32 6.42 -21.22
CA THR C 136 -13.67 6.90 -20.98
C THR C 136 -13.89 8.19 -21.77
N GLN C 137 -12.87 9.04 -21.81
CA GLN C 137 -12.99 10.29 -22.55
C GLN C 137 -13.05 10.09 -24.05
N ILE C 138 -12.30 9.12 -24.56
CA ILE C 138 -12.31 8.85 -25.99
C ILE C 138 -13.68 8.28 -26.36
N SER C 139 -14.20 7.42 -25.50
CA SER C 139 -15.50 6.83 -25.72
C SER C 139 -16.58 7.91 -25.71
N LEU C 140 -16.46 8.86 -24.79
CA LEU C 140 -17.41 9.94 -24.68
C LEU C 140 -17.27 10.88 -25.88
N TYR C 141 -16.06 10.97 -26.41
CA TYR C 141 -15.81 11.81 -27.57
C TYR C 141 -16.58 11.30 -28.79
N ASP C 142 -16.50 9.99 -29.03
CA ASP C 142 -17.21 9.42 -30.17
C ASP C 142 -18.72 9.47 -29.98
N ARG C 143 -19.18 9.28 -28.75
CA ARG C 143 -20.61 9.33 -28.48
C ARG C 143 -21.19 10.73 -28.68
N LEU C 144 -20.49 11.74 -28.16
CA LEU C 144 -20.94 13.12 -28.26
C LEU C 144 -20.71 13.68 -29.66
N GLY C 145 -19.57 13.33 -30.25
CA GLY C 145 -19.23 13.85 -31.56
C GLY C 145 -18.25 15.01 -31.40
N PRO C 146 -17.43 15.30 -32.41
CA PRO C 146 -16.45 16.39 -32.33
C PRO C 146 -16.97 17.70 -31.73
N GLN C 147 -18.06 18.23 -32.28
CA GLN C 147 -18.63 19.48 -31.80
C GLN C 147 -19.17 19.38 -30.38
N GLY C 148 -19.89 18.30 -30.09
CA GLY C 148 -20.45 18.13 -28.77
C GLY C 148 -19.39 18.03 -27.69
N PHE C 149 -18.33 17.28 -27.96
CA PHE C 149 -17.27 17.12 -26.99
C PHE C 149 -16.56 18.44 -26.76
N ALA C 150 -16.32 19.18 -27.85
CA ALA C 150 -15.64 20.47 -27.76
C ALA C 150 -16.49 21.41 -26.92
N LEU C 151 -17.81 21.36 -27.13
CA LEU C 151 -18.71 22.21 -26.38
C LEU C 151 -18.60 21.92 -24.87
N LEU C 152 -18.67 20.64 -24.52
CA LEU C 152 -18.60 20.20 -23.13
C LEU C 152 -17.31 20.62 -22.43
N ASN C 153 -16.23 20.75 -23.20
CA ASN C 153 -14.96 21.10 -22.61
C ASN C 153 -14.45 22.49 -22.92
N ALA C 154 -15.34 23.33 -23.44
CA ALA C 154 -14.99 24.71 -23.80
C ALA C 154 -15.39 25.71 -22.71
N ALA C 155 -14.74 26.87 -22.73
CA ALA C 155 -15.04 27.90 -21.76
C ALA C 155 -15.79 29.03 -22.43
N PRO C 156 -16.80 29.59 -21.76
CA PRO C 156 -17.59 30.70 -22.31
C PRO C 156 -16.67 31.92 -22.45
N MET C 157 -17.06 32.88 -23.27
CA MET C 157 -16.25 34.10 -23.46
C MET C 157 -16.05 34.92 -22.19
N ASP C 158 -16.95 34.78 -21.21
CA ASP C 158 -16.85 35.54 -19.97
C ASP C 158 -16.24 34.72 -18.83
N ALA C 159 -15.50 33.66 -19.18
CA ALA C 159 -14.90 32.80 -18.17
C ALA C 159 -13.68 33.39 -17.47
N ALA C 160 -13.44 32.91 -16.24
CA ALA C 160 -12.31 33.30 -15.42
C ALA C 160 -11.84 34.74 -15.63
CHA HEM D . 6.03 5.10 24.32
CHB HEM D . 5.65 0.39 23.23
CHC HEM D . 9.97 -0.30 25.21
CHD HEM D . 10.05 4.22 26.84
C1A HEM D . 5.67 3.92 23.68
C2A HEM D . 4.87 3.76 22.47
C3A HEM D . 4.46 2.44 22.45
C4A HEM D . 5.42 1.75 23.29
CMA HEM D . 3.44 1.80 21.50
CAA HEM D . 4.75 4.69 21.27
CBA HEM D . 4.32 6.13 21.50
CGA HEM D . 2.91 6.24 22.01
O1A HEM D . 2.47 7.38 22.27
O2A HEM D . 2.23 5.19 22.13
C1B HEM D . 6.81 -0.23 23.65
C2B HEM D . 7.14 -1.63 23.43
C3B HEM D . 8.33 -1.86 24.06
C4B HEM D . 8.78 -0.56 24.56
CMB HEM D . 6.33 -2.64 22.62
CAB HEM D . 8.98 -3.10 24.07
CBB HEM D . 9.65 -3.65 25.14
C1C HEM D . 10.43 0.90 25.71
C2C HEM D . 11.76 1.10 26.25
C3C HEM D . 11.81 2.39 26.71
C4C HEM D . 10.47 2.94 26.50
CMC HEM D . 12.89 0.05 26.27
CAC HEM D . 12.92 3.06 27.24
CBC HEM D . 13.99 2.50 27.90
C1D HEM D . 8.92 4.86 26.36
C2D HEM D . 8.60 6.26 26.62
C3D HEM D . 7.44 6.53 25.90
C4D HEM D . 7.10 5.29 25.17
CMD HEM D . 9.38 7.24 27.50
CAD HEM D . 6.67 7.84 26.05
CBD HEM D . 6.62 8.78 24.86
CGD HEM D . 6.01 10.14 25.21
O1D HEM D . 4.93 10.17 25.84
O2D HEM D . 6.62 11.18 24.85
NA HEM D . 6.25 2.68 23.91
NB HEM D . 7.85 0.43 24.31
NC HEM D . 9.70 2.07 25.73
ND HEM D . 8.01 4.28 25.48
FE HEM D . 7.96 2.38 24.83
CHA HEM E . -25.48 2.22 1.76
CHB HEM E . -23.53 0.03 -2.09
CHC HEM E . -26.62 -3.57 -1.60
CHD HEM E . -28.71 -1.34 2.15
C1A HEM E . -24.62 1.88 0.73
C2A HEM E . -23.29 2.42 0.53
C3A HEM E . -22.92 2.03 -0.74
C4A HEM E . -23.78 0.93 -1.07
CMA HEM E . -21.72 2.51 -1.57
CAA HEM E . -22.29 2.95 1.58
CBA HEM E . -22.56 4.22 2.38
CGA HEM E . -22.65 5.46 1.51
O1A HEM E . -22.62 6.58 2.07
O2A HEM E . -22.74 5.32 0.26
C1B HEM E . -24.21 -1.13 -2.34
C2B HEM E . -23.84 -2.08 -3.36
C3B HEM E . -24.81 -3.05 -3.35
C4B HEM E . -25.62 -2.78 -2.15
CMB HEM E . -22.60 -2.10 -4.25
CAB HEM E . -24.90 -4.00 -4.37
CBB HEM E . -25.51 -5.23 -4.29
C1C HEM E . -27.42 -3.31 -0.52
C2C HEM E . -28.39 -4.24 0.01
C3C HEM E . -28.89 -3.68 1.15
C4C HEM E . -28.38 -2.30 1.20
CMC HEM E . -28.76 -5.60 -0.58
CAC HEM E . -29.65 -4.35 2.11
CBC HEM E . -31.00 -4.53 1.94
C1D HEM E . -28.07 -0.12 2.35
C2D HEM E . -28.42 0.88 3.36
C3D HEM E . -27.46 1.87 3.29
C4D HEM E . -26.58 1.50 2.18
CMD HEM E . -29.69 0.86 4.22
CAD HEM E . -27.46 3.19 4.10
CBD HEM E . -26.33 3.52 5.07
CGD HEM E . -26.52 4.85 5.79
O1D HEM E . -26.64 5.91 5.11
O2D HEM E . -26.56 4.85 7.04
NA HEM E . -24.81 0.80 -0.13
NB HEM E . -25.28 -1.57 -1.57
NC HEM E . -27.38 -2.14 0.23
ND HEM E . -26.98 0.29 1.60
FE HEM E . -26.15 -0.68 0.01
CHA HEM F . 5.50 22.61 -10.60
CHB HEM F . 8.91 19.18 -10.69
CHC HEM F . 9.44 19.99 -15.44
CHD HEM F . 6.14 23.50 -15.33
C1A HEM F . 6.29 21.54 -10.23
C2A HEM F . 6.16 20.82 -8.97
C3A HEM F . 7.10 19.78 -9.03
C4A HEM F . 7.85 19.97 -10.27
CMA HEM F . 7.20 18.59 -8.09
CAA HEM F . 5.03 21.02 -7.95
CBA HEM F . 5.11 22.23 -7.04
CGA HEM F . 6.04 22.04 -5.85
O1A HEM F . 6.13 22.95 -5.00
O2A HEM F . 6.66 20.96 -5.76
C1B HEM F . 9.39 19.11 -11.99
C2B HEM F . 10.44 18.22 -12.46
C3B HEM F . 10.53 18.38 -13.81
C4B HEM F . 9.58 19.44 -14.17
CMB HEM F . 11.34 17.28 -11.65
CAB HEM F . 11.43 17.71 -14.62
CBB HEM F . 12.65 18.26 -14.92
C1C HEM F . 8.60 21.01 -15.82
C2C HEM F . 8.53 21.56 -17.17
C3C HEM F . 7.38 22.30 -17.21
C4C HEM F . 7.03 22.54 -15.81
CMC HEM F . 9.47 21.31 -18.34
CAC HEM F . 6.62 22.62 -18.35
CBC HEM F . 7.08 23.40 -19.37
C1D HEM F . 5.75 23.64 -14.01
C2D HEM F . 4.96 24.75 -13.49
C3D HEM F . 4.75 24.48 -12.14
C4D HEM F . 5.43 23.22 -11.86
CMD HEM F . 4.50 25.98 -14.27
CAD HEM F . 4.02 25.35 -11.10
CBD HEM F . 2.71 24.73 -10.61
CGD HEM F . 2.08 25.52 -9.48
O1D HEM F . 2.72 25.63 -8.41
O2D HEM F . 0.95 26.02 -9.65
NA HEM F . 7.21 20.91 -11.07
NB HEM F . 8.87 19.86 -13.06
NC HEM F . 7.70 21.62 -14.99
ND HEM F . 6.14 22.78 -12.98
FE HEM F . 7.46 21.26 -13.04
#